data_3IOQ
#
_entry.id   3IOQ
#
_cell.length_a   73.639
_cell.length_b   73.639
_cell.length_c   118.786
_cell.angle_alpha   90.000
_cell.angle_beta   90.000
_cell.angle_gamma   90.000
#
_symmetry.space_group_name_H-M   'P 41 21 2'
#
loop_
_entity.id
_entity.type
_entity.pdbx_description
1 polymer CMS1MS2
2 non-polymer N-[N-[1-HYDROXYCARBOXYETHYL-CARBONYL]LEUCYLAMINO-BUTYL]-GUANIDINE
3 non-polymer 'SULFATE ION'
4 non-polymer 1,2-ETHANEDIOL
5 water water
#
_entity_poly.entity_id   1
_entity_poly.type   'polypeptide(L)'
_entity_poly.pdbx_seq_one_letter_code
;IPTSIDWRQKGAVTPVRNQGGCGSCWTFSSVAAVEGINKIVTGQLLSLSEQELLDCERRSYGCRGGFPLYALQYVANSGI
HLRQYYPYEGVQRQCRASQAKGPKVKTDGVGRVPRNNEQALIQRIAIQPVSIVVEAKGRAFQNYRGGIFAGPCGTSIDHA
VAAVGYGNDYILIKNSWGTGWGEGGYIRIKRGSGNPQGACGVLSDSVFPTKNR
;
_entity_poly.pdbx_strand_id   A
#
# COMPACT_ATOMS: atom_id res chain seq x y z
N ILE A 1 -2.33 13.60 -18.30
CA ILE A 1 -1.42 12.69 -17.51
C ILE A 1 -0.44 11.96 -18.43
N PRO A 2 0.73 11.57 -17.89
CA PRO A 2 1.69 10.82 -18.71
C PRO A 2 1.19 9.42 -19.07
N THR A 3 1.76 8.85 -20.12
CA THR A 3 1.38 7.50 -20.57
C THR A 3 1.91 6.45 -19.60
N SER A 4 2.98 6.80 -18.88
CA SER A 4 3.54 5.94 -17.84
CA SER A 4 3.53 5.94 -17.84
C SER A 4 4.03 6.76 -16.65
N ILE A 5 3.99 6.17 -15.46
CA ILE A 5 4.56 6.84 -14.30
C ILE A 5 5.13 5.78 -13.39
N ASP A 6 6.21 6.12 -12.69
CA ASP A 6 6.83 5.19 -11.76
C ASP A 6 7.33 6.01 -10.58
N TRP A 7 6.58 5.94 -9.47
CA TRP A 7 6.94 6.70 -8.27
C TRP A 7 8.30 6.33 -7.67
N ARG A 8 8.80 5.14 -7.98
CA ARG A 8 10.16 4.76 -7.53
C ARG A 8 11.19 5.69 -8.14
N GLN A 9 10.95 6.06 -9.41
CA GLN A 9 11.83 6.97 -10.16
C GLN A 9 11.60 8.44 -9.89
N LYS A 10 10.82 8.75 -8.86
CA LYS A 10 10.68 10.11 -8.39
C LYS A 10 11.10 10.14 -6.91
N GLY A 11 11.69 9.05 -6.44
CA GLY A 11 12.15 8.98 -5.05
C GLY A 11 11.06 8.93 -3.97
N ALA A 12 9.86 8.45 -4.34
CA ALA A 12 8.70 8.46 -3.41
C ALA A 12 8.37 7.05 -2.89
N VAL A 13 9.25 6.10 -3.16
CA VAL A 13 9.03 4.71 -2.74
C VAL A 13 10.26 4.14 -2.02
N THR A 14 10.04 3.59 -0.84
CA THR A 14 11.13 2.98 -0.05
C THR A 14 11.39 1.54 -0.54
N PRO A 15 12.48 0.88 -0.07
CA PRO A 15 12.71 -0.53 -0.39
C PRO A 15 11.53 -1.44 -0.06
N VAL A 16 11.49 -2.56 -0.76
CA VAL A 16 10.46 -3.58 -0.57
C VAL A 16 10.59 -4.23 0.81
N ARG A 17 9.44 -4.50 1.44
CA ARG A 17 9.38 -5.13 2.73
C ARG A 17 8.92 -6.58 2.62
N ASN A 18 9.13 -7.31 3.71
CA ASN A 18 8.60 -8.66 3.83
C ASN A 18 7.77 -8.78 5.10
N GLN A 19 6.46 -8.89 4.95
CA GLN A 19 5.56 -8.96 6.09
C GLN A 19 5.72 -10.26 6.91
N GLY A 20 6.34 -11.28 6.31
CA GLY A 20 6.52 -12.58 6.97
C GLY A 20 5.17 -13.27 7.11
N GLY A 21 5.00 -14.10 8.15
CA GLY A 21 3.77 -14.91 8.27
C GLY A 21 2.54 -14.14 8.76
N CYS A 22 2.79 -12.98 9.35
CA CYS A 22 1.77 -12.13 9.96
C CYS A 22 0.84 -11.58 8.87
N GLY A 23 -0.48 -11.61 9.11
CA GLY A 23 -1.49 -11.12 8.17
C GLY A 23 -1.63 -9.61 8.24
N SER A 24 -0.52 -8.92 8.01
CA SER A 24 -0.43 -7.49 8.24
C SER A 24 -0.34 -6.67 6.95
N CYS A 25 -0.80 -7.23 5.82
CA CYS A 25 -0.64 -6.56 4.52
C CYS A 25 -1.23 -5.14 4.55
N TRP A 26 -2.31 -4.98 5.32
CA TRP A 26 -3.01 -3.72 5.42
C TRP A 26 -2.13 -2.60 6.00
N THR A 27 -1.13 -2.96 6.82
CA THR A 27 -0.21 -1.96 7.35
C THR A 27 0.84 -1.58 6.29
N PHE A 28 1.22 -2.53 5.44
CA PHE A 28 2.30 -2.28 4.46
C PHE A 28 1.81 -1.39 3.33
N SER A 29 0.64 -1.71 2.79
CA SER A 29 0.12 -0.90 1.66
C SER A 29 -0.19 0.52 2.12
N SER A 30 -0.78 0.66 3.31
CA SER A 30 -1.12 1.99 3.82
CA SER A 30 -1.12 1.98 3.84
C SER A 30 0.14 2.81 4.08
N VAL A 31 1.14 2.21 4.73
CA VAL A 31 2.40 2.92 4.98
C VAL A 31 3.05 3.32 3.66
N ALA A 32 3.01 2.45 2.66
CA ALA A 32 3.67 2.80 1.39
C ALA A 32 2.97 4.02 0.76
N ALA A 33 1.64 4.04 0.86
CA ALA A 33 0.89 5.20 0.38
C ALA A 33 1.26 6.49 1.14
N VAL A 34 1.39 6.40 2.46
CA VAL A 34 1.75 7.57 3.30
C VAL A 34 3.18 8.03 2.97
N GLU A 35 4.11 7.08 2.85
CA GLU A 35 5.51 7.43 2.50
C GLU A 35 5.55 8.21 1.19
N GLY A 36 4.73 7.77 0.23
CA GLY A 36 4.63 8.38 -1.08
C GLY A 36 4.13 9.81 -0.99
N ILE A 37 2.94 10.02 -0.42
CA ILE A 37 2.41 11.43 -0.35
C ILE A 37 3.32 12.33 0.50
N ASN A 38 3.94 11.76 1.54
CA ASN A 38 4.87 12.54 2.37
C ASN A 38 6.08 13.03 1.59
N LYS A 39 6.65 12.16 0.75
CA LYS A 39 7.74 12.62 -0.12
C LYS A 39 7.26 13.69 -1.10
N ILE A 40 6.12 13.45 -1.73
CA ILE A 40 5.57 14.37 -2.73
C ILE A 40 5.39 15.78 -2.15
N VAL A 41 4.86 15.87 -0.93
CA VAL A 41 4.53 17.19 -0.38
C VAL A 41 5.61 17.83 0.52
N THR A 42 6.55 17.02 1.03
CA THR A 42 7.61 17.53 1.93
C THR A 42 9.00 17.43 1.33
N GLY A 43 9.16 16.56 0.33
CA GLY A 43 10.47 16.34 -0.26
C GLY A 43 11.30 15.26 0.42
N GLN A 44 10.84 14.74 1.56
CA GLN A 44 11.61 13.73 2.29
C GLN A 44 11.06 12.33 2.07
N LEU A 45 11.95 11.36 1.86
CA LEU A 45 11.54 9.95 1.83
C LEU A 45 11.83 9.32 3.17
N LEU A 46 10.76 8.92 3.85
CA LEU A 46 10.89 8.33 5.17
C LEU A 46 10.36 6.92 5.16
N SER A 47 10.92 6.07 6.02
CA SER A 47 10.42 4.72 6.21
CA SER A 47 10.44 4.73 6.21
C SER A 47 9.60 4.72 7.49
N LEU A 48 8.32 4.40 7.35
CA LEU A 48 7.36 4.57 8.47
C LEU A 48 6.94 3.26 9.13
N SER A 49 6.38 3.35 10.33
CA SER A 49 6.20 2.14 11.16
C SER A 49 4.92 1.35 10.88
N GLU A 50 5.05 0.22 10.18
CA GLU A 50 3.91 -0.73 10.08
C GLU A 50 3.50 -1.24 11.45
N GLN A 51 4.50 -1.43 12.31
CA GLN A 51 4.25 -2.00 13.66
C GLN A 51 3.33 -1.10 14.49
N GLU A 52 3.49 0.22 14.38
CA GLU A 52 2.61 1.15 15.07
C GLU A 52 1.16 0.90 14.70
N LEU A 53 0.88 0.76 13.40
CA LEU A 53 -0.49 0.46 12.96
C LEU A 53 -0.95 -0.88 13.52
N LEU A 54 -0.09 -1.90 13.36
CA LEU A 54 -0.39 -3.25 13.84
C LEU A 54 -0.81 -3.24 15.33
N ASP A 55 -0.05 -2.52 16.15
CA ASP A 55 -0.33 -2.42 17.60
C ASP A 55 -1.46 -1.45 17.98
N CYS A 56 -1.54 -0.32 17.27
CA CYS A 56 -2.26 0.85 17.78
C CYS A 56 -3.55 1.18 17.06
N GLU A 57 -3.72 0.66 15.84
CA GLU A 57 -4.89 1.04 15.05
C GLU A 57 -6.01 0.06 15.44
N ARG A 58 -6.88 0.56 16.32
CA ARG A 58 -7.78 -0.28 17.15
C ARG A 58 -8.85 -1.05 16.39
N ARG A 59 -9.29 -0.49 15.26
CA ARG A 59 -10.38 -1.09 14.48
C ARG A 59 -9.92 -2.23 13.54
N SER A 60 -8.62 -2.41 13.46
CA SER A 60 -8.07 -3.55 12.72
C SER A 60 -7.67 -4.66 13.70
N TYR A 61 -7.12 -5.75 13.18
CA TYR A 61 -6.86 -6.94 14.01
C TYR A 61 -5.45 -7.43 13.98
N GLY A 62 -4.49 -6.51 13.88
CA GLY A 62 -3.09 -6.91 13.97
C GLY A 62 -2.72 -7.87 12.86
N CYS A 63 -2.12 -9.01 13.25
CA CYS A 63 -1.71 -10.04 12.29
C CYS A 63 -2.86 -10.87 11.75
N ARG A 64 -4.07 -10.61 12.25
CA ARG A 64 -5.27 -11.30 11.76
CA ARG A 64 -5.26 -11.31 11.75
C ARG A 64 -6.05 -10.45 10.77
N GLY A 65 -5.39 -9.47 10.15
CA GLY A 65 -6.04 -8.70 9.11
C GLY A 65 -6.51 -7.33 9.54
N GLY A 66 -6.80 -6.49 8.55
CA GLY A 66 -7.13 -5.11 8.85
C GLY A 66 -7.64 -4.30 7.69
N PHE A 67 -7.74 -3.00 7.91
CA PHE A 67 -8.48 -2.13 7.00
C PHE A 67 -7.63 -0.93 6.60
N PRO A 68 -7.12 -0.92 5.35
CA PRO A 68 -6.30 0.22 4.89
C PRO A 68 -6.97 1.57 5.10
N LEU A 69 -8.29 1.66 4.87
CA LEU A 69 -9.00 2.91 5.13
C LEU A 69 -8.76 3.39 6.57
N TYR A 70 -8.90 2.49 7.54
CA TYR A 70 -8.77 2.88 8.94
C TYR A 70 -7.33 3.17 9.32
N ALA A 71 -6.38 2.43 8.71
CA ALA A 71 -4.96 2.75 8.88
C ALA A 71 -4.68 4.18 8.41
N LEU A 72 -5.22 4.58 7.26
CA LEU A 72 -5.01 5.93 6.76
C LEU A 72 -5.68 6.99 7.64
N GLN A 73 -6.86 6.66 8.16
CA GLN A 73 -7.52 7.57 9.12
C GLN A 73 -6.68 7.73 10.40
N TYR A 74 -6.10 6.64 10.89
CA TYR A 74 -5.19 6.71 12.04
C TYR A 74 -4.03 7.67 11.81
N VAL A 75 -3.43 7.58 10.62
CA VAL A 75 -2.30 8.46 10.32
C VAL A 75 -2.76 9.94 10.27
N ALA A 76 -3.97 10.17 9.79
CA ALA A 76 -4.53 11.54 9.75
C ALA A 76 -4.92 12.09 11.14
N ASN A 77 -5.19 11.20 12.08
CA ASN A 77 -5.58 11.55 13.45
CA ASN A 77 -5.56 11.60 13.44
C ASN A 77 -4.40 11.60 14.42
N SER A 78 -3.58 10.56 14.42
CA SER A 78 -2.49 10.40 15.38
C SER A 78 -1.09 10.60 14.81
N GLY A 79 -0.96 10.58 13.48
CA GLY A 79 0.38 10.57 12.87
C GLY A 79 1.00 9.19 13.05
N ILE A 80 2.23 9.04 12.57
CA ILE A 80 2.91 7.74 12.62
C ILE A 80 4.41 7.96 12.74
N HIS A 81 5.09 7.08 13.48
CA HIS A 81 6.51 7.19 13.74
C HIS A 81 7.36 6.51 12.66
N LEU A 82 8.67 6.78 12.68
CA LEU A 82 9.57 6.14 11.73
C LEU A 82 9.77 4.66 12.09
N ARG A 83 9.96 3.82 11.08
CA ARG A 83 10.21 2.39 11.27
C ARG A 83 11.38 2.18 12.23
N GLN A 84 12.44 2.97 12.05
CA GLN A 84 13.67 2.77 12.83
C GLN A 84 13.45 2.98 14.33
N TYR A 85 12.38 3.69 14.68
CA TYR A 85 12.02 3.96 16.07
C TYR A 85 10.80 3.17 16.57
N TYR A 86 10.25 2.35 15.69
CA TYR A 86 9.13 1.47 16.07
C TYR A 86 9.10 0.31 15.08
N PRO A 87 10.09 -0.59 15.18
CA PRO A 87 10.41 -1.55 14.13
C PRO A 87 9.41 -2.71 14.03
N TYR A 88 9.41 -3.40 12.90
CA TYR A 88 8.45 -4.46 12.64
C TYR A 88 8.81 -5.73 13.38
N GLU A 89 7.85 -6.29 14.10
N GLU A 89 7.85 -6.30 14.09
CA GLU A 89 8.05 -7.52 14.86
CA GLU A 89 8.06 -7.53 14.83
C GLU A 89 7.24 -8.70 14.34
C GLU A 89 7.32 -8.72 14.21
N GLY A 90 6.25 -8.43 13.47
CA GLY A 90 5.46 -9.49 12.86
C GLY A 90 4.58 -10.21 13.87
N VAL A 91 4.32 -9.53 14.98
CA VAL A 91 3.41 -10.01 16.03
C VAL A 91 2.80 -8.79 16.69
N GLN A 92 1.52 -8.88 17.06
CA GLN A 92 0.90 -7.74 17.73
C GLN A 92 1.34 -7.67 19.19
N ARG A 93 1.74 -6.48 19.63
CA ARG A 93 2.07 -6.22 21.03
C ARG A 93 1.28 -5.03 21.51
N GLN A 94 1.48 -4.62 22.76
CA GLN A 94 0.81 -3.42 23.29
C GLN A 94 1.18 -2.22 22.42
N CYS A 95 0.24 -1.29 22.23
CA CYS A 95 0.53 -0.03 21.57
C CYS A 95 1.60 0.75 22.36
N ARG A 96 2.68 1.13 21.67
CA ARG A 96 3.80 1.83 22.27
CA ARG A 96 3.79 1.85 22.29
C ARG A 96 4.06 3.16 21.55
N ALA A 97 3.03 3.68 20.87
CA ALA A 97 3.14 4.94 20.12
C ALA A 97 3.64 6.11 20.98
N SER A 98 3.09 6.25 22.18
CA SER A 98 3.43 7.37 23.05
C SER A 98 4.88 7.32 23.60
N GLN A 99 5.53 6.16 23.47
CA GLN A 99 6.92 5.94 23.91
CA GLN A 99 6.92 6.00 23.91
C GLN A 99 7.93 6.03 22.76
N ALA A 100 7.44 5.95 21.52
CA ALA A 100 8.33 5.93 20.35
C ALA A 100 9.10 7.25 20.21
N LYS A 101 10.39 7.15 19.95
CA LYS A 101 11.26 8.31 19.72
C LYS A 101 11.09 8.82 18.29
N GLY A 102 11.65 10.01 18.03
CA GLY A 102 11.75 10.51 16.67
C GLY A 102 10.54 11.27 16.18
N PRO A 103 10.59 11.74 14.93
CA PRO A 103 9.51 12.57 14.41
C PRO A 103 8.27 11.75 14.04
N LYS A 104 7.18 12.45 13.74
CA LYS A 104 5.97 11.80 13.26
C LYS A 104 5.58 12.37 11.90
N VAL A 105 5.01 11.54 11.05
CA VAL A 105 4.38 12.02 9.82
C VAL A 105 2.89 12.07 10.12
N LYS A 106 2.27 13.20 9.81
CA LYS A 106 0.83 13.34 9.99
C LYS A 106 0.24 13.74 8.65
N THR A 107 -0.84 13.10 8.28
CA THR A 107 -1.53 13.44 7.06
C THR A 107 -2.76 14.26 7.47
N ASP A 108 -3.51 14.72 6.49
CA ASP A 108 -4.67 15.59 6.73
C ASP A 108 -6.02 14.93 6.46
N GLY A 109 -6.02 13.78 5.78
CA GLY A 109 -7.30 13.14 5.42
C GLY A 109 -7.10 11.88 4.61
N VAL A 110 -8.21 11.38 4.06
CA VAL A 110 -8.20 10.15 3.30
C VAL A 110 -9.13 10.36 2.11
N GLY A 111 -8.71 9.90 0.93
CA GLY A 111 -9.57 9.91 -0.24
C GLY A 111 -9.85 8.50 -0.74
N ARG A 112 -10.92 8.36 -1.53
CA ARG A 112 -11.25 7.07 -2.11
C ARG A 112 -11.42 7.22 -3.62
N VAL A 113 -10.85 6.30 -4.37
CA VAL A 113 -11.00 6.29 -5.82
C VAL A 113 -12.39 5.70 -6.11
N PRO A 114 -13.18 6.32 -7.02
CA PRO A 114 -14.40 5.62 -7.44
C PRO A 114 -14.07 4.20 -7.92
N ARG A 115 -14.75 3.19 -7.37
CA ARG A 115 -14.37 1.80 -7.62
C ARG A 115 -14.72 1.31 -9.02
N ASN A 116 -14.10 0.19 -9.41
CA ASN A 116 -14.37 -0.46 -10.71
C ASN A 116 -14.27 0.48 -11.89
N ASN A 117 -13.26 1.36 -11.86
CA ASN A 117 -13.10 2.39 -12.86
C ASN A 117 -11.60 2.52 -13.10
N GLU A 118 -11.12 1.87 -14.17
CA GLU A 118 -9.68 1.82 -14.42
C GLU A 118 -9.10 3.21 -14.63
N GLN A 119 -9.77 4.04 -15.45
CA GLN A 119 -9.26 5.39 -15.69
C GLN A 119 -9.16 6.25 -14.43
N ALA A 120 -10.13 6.13 -13.52
CA ALA A 120 -10.10 6.87 -12.25
C ALA A 120 -8.89 6.45 -11.41
N LEU A 121 -8.59 5.15 -11.38
CA LEU A 121 -7.42 4.69 -10.60
C LEU A 121 -6.12 5.20 -11.23
N ILE A 122 -6.00 5.07 -12.55
CA ILE A 122 -4.84 5.58 -13.28
C ILE A 122 -4.64 7.08 -13.02
N GLN A 123 -5.72 7.86 -13.10
CA GLN A 123 -5.65 9.29 -12.83
CA GLN A 123 -5.66 9.30 -12.83
C GLN A 123 -5.13 9.56 -11.42
N ARG A 124 -5.54 8.74 -10.46
CA ARG A 124 -5.07 8.95 -9.09
C ARG A 124 -3.58 8.57 -8.94
N ILE A 125 -3.18 7.45 -9.54
CA ILE A 125 -1.77 7.02 -9.50
C ILE A 125 -0.86 8.09 -10.14
N ALA A 126 -1.37 8.78 -11.17
CA ALA A 126 -0.63 9.90 -11.76
C ALA A 126 -0.30 10.98 -10.71
N ILE A 127 -1.07 11.04 -9.63
CA ILE A 127 -0.88 12.05 -8.60
C ILE A 127 -0.05 11.52 -7.41
N GLN A 128 -0.24 10.25 -7.07
CA GLN A 128 0.40 9.69 -5.87
C GLN A 128 0.20 8.19 -5.82
N PRO A 129 1.06 7.48 -5.07
CA PRO A 129 0.80 6.05 -4.82
C PRO A 129 -0.55 5.81 -4.13
N VAL A 130 -1.13 4.65 -4.38
CA VAL A 130 -2.48 4.36 -3.86
C VAL A 130 -2.50 2.98 -3.15
N SER A 131 -3.23 2.89 -2.05
CA SER A 131 -3.44 1.61 -1.41
C SER A 131 -4.60 0.92 -2.11
N ILE A 132 -4.33 -0.24 -2.68
CA ILE A 132 -5.33 -0.98 -3.46
C ILE A 132 -5.44 -2.42 -2.93
N VAL A 133 -6.30 -3.20 -3.56
CA VAL A 133 -6.51 -4.58 -3.11
C VAL A 133 -6.45 -5.51 -4.28
N VAL A 134 -6.04 -6.75 -4.02
CA VAL A 134 -6.04 -7.82 -5.02
C VAL A 134 -6.41 -9.17 -4.38
N GLU A 135 -6.80 -10.13 -5.22
CA GLU A 135 -6.89 -11.51 -4.75
C GLU A 135 -5.52 -12.17 -4.96
N ALA A 136 -4.84 -12.47 -3.87
CA ALA A 136 -3.48 -13.00 -3.92
C ALA A 136 -3.36 -14.47 -3.58
N LYS A 137 -4.47 -15.12 -3.26
CA LYS A 137 -4.41 -16.49 -2.74
C LYS A 137 -4.16 -17.53 -3.84
N GLY A 138 -4.42 -17.17 -5.09
CA GLY A 138 -4.26 -18.11 -6.21
C GLY A 138 -2.82 -18.57 -6.40
N ARG A 139 -2.62 -19.80 -6.85
CA ARG A 139 -1.24 -20.28 -7.04
C ARG A 139 -0.47 -19.45 -8.10
N ALA A 140 -1.15 -18.98 -9.14
CA ALA A 140 -0.48 -18.19 -10.19
C ALA A 140 0.07 -16.88 -9.60
N PHE A 141 -0.76 -16.21 -8.78
CA PHE A 141 -0.29 -15.00 -8.11
C PHE A 141 0.84 -15.32 -7.14
N GLN A 142 0.66 -16.36 -6.32
CA GLN A 142 1.72 -16.73 -5.38
C GLN A 142 3.05 -17.04 -6.06
N ASN A 143 2.97 -17.64 -7.24
CA ASN A 143 4.17 -18.09 -7.94
C ASN A 143 4.68 -17.07 -8.97
N TYR A 144 4.06 -15.88 -9.02
CA TYR A 144 4.45 -14.87 -10.00
C TYR A 144 5.93 -14.55 -9.91
N ARG A 145 6.59 -14.50 -11.08
CA ARG A 145 8.02 -14.23 -11.19
C ARG A 145 8.36 -12.95 -11.95
N GLY A 146 7.54 -12.60 -12.94
CA GLY A 146 7.81 -11.41 -13.73
C GLY A 146 6.87 -11.23 -14.89
N GLY A 147 7.04 -10.10 -15.57
CA GLY A 147 6.26 -9.75 -16.75
C GLY A 147 4.87 -9.27 -16.38
N ILE A 148 3.98 -9.21 -17.37
CA ILE A 148 2.64 -8.71 -17.13
C ILE A 148 1.74 -9.87 -16.70
N PHE A 149 1.19 -9.77 -15.50
CA PHE A 149 0.31 -10.79 -14.93
C PHE A 149 -1.15 -10.55 -15.32
N ALA A 150 -1.76 -11.55 -15.92
CA ALA A 150 -3.19 -11.43 -16.26
C ALA A 150 -4.10 -12.41 -15.50
N GLY A 151 -3.48 -13.37 -14.80
CA GLY A 151 -4.22 -14.42 -14.09
C GLY A 151 -3.56 -15.77 -14.33
N PRO A 152 -4.26 -16.88 -14.02
CA PRO A 152 -5.66 -16.89 -13.54
C PRO A 152 -5.72 -16.34 -12.12
N CYS A 153 -6.73 -15.53 -11.86
CA CYS A 153 -6.97 -15.00 -10.52
C CYS A 153 -8.44 -14.57 -10.50
N GLY A 154 -9.09 -14.73 -9.36
CA GLY A 154 -10.48 -14.29 -9.23
C GLY A 154 -10.52 -12.87 -8.68
N THR A 155 -11.67 -12.49 -8.14
CA THR A 155 -11.85 -11.11 -7.69
C THR A 155 -12.25 -11.11 -6.22
N SER A 156 -12.03 -12.23 -5.55
CA SER A 156 -12.28 -12.29 -4.12
CA SER A 156 -12.24 -12.37 -4.11
C SER A 156 -11.05 -11.74 -3.39
N ILE A 157 -11.06 -10.41 -3.31
CA ILE A 157 -9.92 -9.63 -2.79
C ILE A 157 -9.56 -10.05 -1.38
N ASP A 158 -8.27 -10.15 -1.10
CA ASP A 158 -7.80 -10.66 0.19
C ASP A 158 -6.45 -10.10 0.64
N HIS A 159 -5.88 -9.14 -0.11
CA HIS A 159 -4.49 -8.73 0.13
C HIS A 159 -4.33 -7.28 -0.33
N ALA A 160 -3.90 -6.42 0.59
CA ALA A 160 -3.71 -5.02 0.32
C ALA A 160 -2.27 -4.84 -0.18
N VAL A 161 -2.12 -4.03 -1.22
CA VAL A 161 -0.84 -3.76 -1.86
C VAL A 161 -0.83 -2.29 -2.31
N ALA A 162 0.32 -1.76 -2.72
CA ALA A 162 0.39 -0.33 -3.08
C ALA A 162 0.67 -0.17 -4.57
N ALA A 163 -0.20 0.56 -5.27
CA ALA A 163 0.06 0.90 -6.66
C ALA A 163 0.99 2.09 -6.70
N VAL A 164 2.14 1.90 -7.35
CA VAL A 164 3.16 2.95 -7.40
C VAL A 164 3.45 3.41 -8.82
N GLY A 165 2.69 2.92 -9.78
CA GLY A 165 2.90 3.36 -11.18
C GLY A 165 1.94 2.69 -12.15
N TYR A 166 2.11 3.01 -13.43
CA TYR A 166 1.38 2.34 -14.49
C TYR A 166 2.11 2.57 -15.82
N GLY A 167 1.69 1.85 -16.84
CA GLY A 167 2.16 2.05 -18.21
C GLY A 167 0.97 1.70 -19.07
N ASN A 168 1.10 1.72 -20.40
CA ASN A 168 -0.09 1.50 -21.24
C ASN A 168 -0.88 0.20 -20.94
N ASP A 169 -0.17 -0.91 -20.72
CA ASP A 169 -0.76 -2.24 -20.44
C ASP A 169 -0.67 -2.76 -19.00
N TYR A 170 -0.31 -1.92 -18.02
CA TYR A 170 -0.13 -2.48 -16.66
C TYR A 170 -0.31 -1.45 -15.56
N ILE A 171 -0.60 -1.95 -14.36
CA ILE A 171 -0.51 -1.16 -13.14
C ILE A 171 0.66 -1.77 -12.35
N LEU A 172 1.55 -0.91 -11.85
CA LEU A 172 2.79 -1.36 -11.19
C LEU A 172 2.54 -1.33 -9.69
N ILE A 173 2.82 -2.44 -9.04
CA ILE A 173 2.39 -2.66 -7.65
C ILE A 173 3.54 -3.16 -6.76
N LYS A 174 3.69 -2.51 -5.62
CA LYS A 174 4.64 -2.87 -4.60
C LYS A 174 3.95 -3.87 -3.67
N ASN A 175 4.46 -5.10 -3.64
CA ASN A 175 3.97 -6.12 -2.72
C ASN A 175 4.85 -6.18 -1.49
N SER A 176 4.38 -6.86 -0.44
CA SER A 176 5.09 -6.93 0.82
C SER A 176 5.53 -8.37 1.10
N TRP A 177 5.96 -9.08 0.06
CA TRP A 177 6.41 -10.46 0.20
C TRP A 177 7.92 -10.61 -0.02
N GLY A 178 8.66 -9.53 0.24
CA GLY A 178 10.11 -9.52 0.06
C GLY A 178 10.55 -9.33 -1.39
N THR A 179 11.85 -9.15 -1.59
CA THR A 179 12.39 -8.93 -2.95
C THR A 179 12.50 -10.24 -3.73
N GLY A 180 12.40 -11.36 -3.03
CA GLY A 180 12.49 -12.67 -3.68
C GLY A 180 11.25 -13.09 -4.44
N TRP A 181 10.16 -12.33 -4.33
CA TRP A 181 8.92 -12.61 -5.07
C TRP A 181 8.78 -11.61 -6.23
N GLY A 182 8.29 -12.07 -7.38
CA GLY A 182 8.01 -11.19 -8.51
C GLY A 182 9.24 -10.44 -9.00
N GLU A 183 9.05 -9.20 -9.45
CA GLU A 183 10.11 -8.38 -10.02
C GLU A 183 10.74 -7.56 -8.90
N GLY A 184 11.67 -8.18 -8.18
CA GLY A 184 12.28 -7.52 -6.99
C GLY A 184 11.22 -7.13 -5.97
N GLY A 185 10.13 -7.89 -5.89
CA GLY A 185 9.03 -7.58 -4.94
C GLY A 185 7.84 -6.88 -5.58
N TYR A 186 7.97 -6.50 -6.85
CA TYR A 186 6.90 -5.82 -7.58
C TYR A 186 6.13 -6.76 -8.50
N ILE A 187 4.91 -6.37 -8.85
CA ILE A 187 4.12 -7.06 -9.87
C ILE A 187 3.49 -6.03 -10.79
N ARG A 188 3.47 -6.35 -12.09
CA ARG A 188 2.70 -5.62 -13.08
C ARG A 188 1.41 -6.40 -13.34
N ILE A 189 0.28 -5.77 -13.08
CA ILE A 189 -1.01 -6.41 -13.36
C ILE A 189 -1.62 -5.75 -14.59
N LYS A 190 -2.10 -6.59 -15.50
CA LYS A 190 -2.64 -6.12 -16.77
C LYS A 190 -3.74 -5.09 -16.56
N ARG A 191 -3.77 -4.08 -17.42
CA ARG A 191 -4.91 -3.17 -17.51
C ARG A 191 -5.92 -3.77 -18.50
N GLY A 192 -7.14 -3.25 -18.54
CA GLY A 192 -8.08 -3.64 -19.61
C GLY A 192 -8.70 -5.02 -19.47
N SER A 193 -9.04 -5.39 -18.25
CA SER A 193 -9.72 -6.65 -17.93
C SER A 193 -11.20 -6.62 -18.32
N GLY A 194 -11.75 -7.81 -18.57
CA GLY A 194 -13.18 -8.00 -18.75
C GLY A 194 -14.00 -7.88 -17.48
N ASN A 195 -13.37 -8.10 -16.32
CA ASN A 195 -14.04 -7.95 -15.02
C ASN A 195 -14.24 -6.47 -14.72
N PRO A 196 -15.46 -6.10 -14.26
CA PRO A 196 -15.69 -4.72 -13.82
C PRO A 196 -14.70 -4.33 -12.71
N GLN A 197 -14.30 -5.32 -11.91
CA GLN A 197 -13.39 -5.13 -10.78
CA GLN A 197 -13.38 -5.12 -10.79
C GLN A 197 -11.91 -5.16 -11.22
N GLY A 198 -11.68 -5.33 -12.53
CA GLY A 198 -10.32 -5.44 -13.06
C GLY A 198 -9.64 -6.78 -12.79
N ALA A 199 -8.46 -6.96 -13.36
CA ALA A 199 -7.69 -8.18 -13.16
C ALA A 199 -7.40 -8.40 -11.68
N CYS A 200 -7.76 -9.58 -11.17
CA CYS A 200 -7.49 -9.95 -9.78
C CYS A 200 -8.20 -9.04 -8.77
N GLY A 201 -9.19 -8.29 -9.24
CA GLY A 201 -9.95 -7.41 -8.38
C GLY A 201 -9.22 -6.12 -8.05
N VAL A 202 -8.23 -5.77 -8.88
CA VAL A 202 -7.35 -4.63 -8.62
C VAL A 202 -8.08 -3.30 -8.51
N LEU A 203 -9.29 -3.21 -9.09
CA LEU A 203 -10.05 -1.97 -9.07
C LEU A 203 -11.08 -1.93 -7.94
N SER A 204 -11.05 -2.93 -7.08
CA SER A 204 -12.18 -3.17 -6.17
C SER A 204 -12.30 -2.09 -5.09
N ASP A 205 -11.17 -1.62 -4.55
CA ASP A 205 -11.20 -0.82 -3.33
C ASP A 205 -9.87 -0.09 -3.12
N SER A 206 -9.86 1.16 -3.53
CA SER A 206 -8.61 1.92 -3.58
C SER A 206 -8.74 3.19 -2.74
N VAL A 207 -7.80 3.39 -1.82
CA VAL A 207 -7.82 4.55 -0.94
C VAL A 207 -6.42 5.18 -0.87
N PHE A 208 -6.38 6.45 -0.47
CA PHE A 208 -5.10 7.17 -0.44
C PHE A 208 -5.11 8.26 0.62
N PRO A 209 -3.93 8.56 1.19
CA PRO A 209 -3.83 9.59 2.20
C PRO A 209 -3.77 10.95 1.51
N THR A 210 -4.34 11.97 2.14
CA THR A 210 -4.18 13.32 1.63
C THR A 210 -3.36 14.13 2.60
N LYS A 211 -2.53 15.03 2.08
CA LYS A 211 -1.67 15.83 2.93
C LYS A 211 -1.31 17.08 2.17
N ASN A 212 -1.42 18.23 2.81
CA ASN A 212 -1.12 19.46 2.06
C ASN A 212 0.34 19.85 2.11
N ARG A 213 0.79 20.47 1.02
CA ARG A 213 2.09 21.11 0.96
CA ARG A 213 2.09 21.13 0.95
C ARG A 213 2.13 22.29 1.93
#